data_4MCB
#
_entry.id   4MCB
#
_cell.length_a   74.158
_cell.length_b   74.158
_cell.length_c   119.288
_cell.angle_alpha   90.000
_cell.angle_beta   90.000
_cell.angle_gamma   90.000
#
_symmetry.space_group_name_H-M   'P 41'
#
loop_
_entity.id
_entity.type
_entity.pdbx_description
1 polymer 'tRNA (guanine-N(1)-)-methyltransferase'
2 non-polymer GLYCEROL
3 non-polymer 'SULFATE ION'
4 non-polymer N-(4-{[(1H-imidazol-2-ylmethyl)amino]methyl}benzyl)-4-oxo-3,4-dihydrothieno[2,3-d]pyrimidine-5-carboxamide
5 non-polymer 'ACETATE ION'
6 water water
#
_entity_poly.entity_id   1
_entity_poly.type   'polypeptide(L)'
_entity_poly.pdbx_seq_one_letter_code
;MWIGVISLFPEMFKAITEFGVTGRAVKHNLLKVECWNPRDFTFDKHKTVDDRPYGGGPGMLMMVQPLRDAIHTAKAAAGE
GAKVIYLSPQGRKLDQGGVTELAQNQKLILVCGRYEGIDERLIQTEIDEEWSIGDYVLTGGELPAMTLIDAVARFIPGVL
GKQASAEEDSFADGLLDCPHYTRPEVLEGLTVPPVLMSGHHEEIRKWRLKQSLQRTWLRRPELLEGLALTDEQRKLLKEA
QAEHNS
;
_entity_poly.pdbx_strand_id   A,B
#
loop_
_chem_comp.id
_chem_comp.type
_chem_comp.name
_chem_comp.formula
21W non-polymer N-(4-{[(1H-imidazol-2-ylmethyl)amino]methyl}benzyl)-4-oxo-3,4-dihydrothieno[2,3-d]pyrimidine-5-carboxamide 'C19 H18 N6 O2 S'
ACT non-polymer 'ACETATE ION' 'C2 H3 O2 -1'
GOL non-polymer GLYCEROL 'C3 H8 O3'
SO4 non-polymer 'SULFATE ION' 'O4 S -2'
#
# COMPACT_ATOMS: atom_id res chain seq x y z
N MET A 1 -16.93 4.49 13.76
CA MET A 1 -16.30 5.35 12.75
C MET A 1 -16.97 5.09 11.39
N TRP A 2 -17.15 6.15 10.59
CA TRP A 2 -17.76 6.08 9.27
C TRP A 2 -16.71 6.52 8.24
N ILE A 3 -16.54 5.73 7.19
CA ILE A 3 -15.58 6.02 6.12
C ILE A 3 -16.28 5.95 4.76
N GLY A 4 -16.25 7.05 4.02
CA GLY A 4 -16.76 7.15 2.66
C GLY A 4 -15.59 6.95 1.70
N VAL A 5 -15.80 6.23 0.62
CA VAL A 5 -14.73 5.94 -0.33
C VAL A 5 -15.14 6.31 -1.74
N ILE A 6 -14.25 6.98 -2.49
CA ILE A 6 -14.48 7.26 -3.91
C ILE A 6 -13.47 6.42 -4.67
N SER A 7 -13.95 5.47 -5.50
CA SER A 7 -13.08 4.57 -6.24
C SER A 7 -13.74 4.05 -7.50
N LEU A 8 -12.94 3.84 -8.56
CA LEU A 8 -13.37 3.22 -9.82
C LEU A 8 -13.47 1.72 -9.65
N PHE A 9 -12.92 1.18 -8.55
CA PHE A 9 -12.98 -0.26 -8.28
C PHE A 9 -13.51 -0.47 -6.84
N PRO A 10 -14.79 -0.08 -6.55
CA PRO A 10 -15.30 -0.20 -5.16
C PRO A 10 -15.29 -1.61 -4.61
N GLU A 11 -15.40 -2.61 -5.47
CA GLU A 11 -15.41 -4.03 -5.04
C GLU A 11 -14.10 -4.45 -4.36
N MET A 12 -12.98 -3.74 -4.64
CA MET A 12 -11.71 -4.02 -3.97
C MET A 12 -11.85 -3.89 -2.45
N PHE A 13 -12.74 -2.99 -1.99
CA PHE A 13 -12.94 -2.68 -0.57
C PHE A 13 -13.64 -3.83 0.19
N LYS A 14 -14.13 -4.86 -0.50
CA LYS A 14 -14.65 -6.06 0.15
C LYS A 14 -13.52 -6.75 0.92
N ALA A 15 -12.23 -6.56 0.46
CA ALA A 15 -11.08 -7.16 1.17
C ALA A 15 -11.00 -6.63 2.61
N ILE A 16 -11.47 -5.39 2.81
CA ILE A 16 -11.53 -4.74 4.12
C ILE A 16 -12.83 -5.06 4.87
N THR A 17 -13.98 -4.90 4.21
CA THR A 17 -15.26 -5.00 4.90
C THR A 17 -15.77 -6.41 5.19
N GLU A 18 -15.25 -7.42 4.49
CA GLU A 18 -15.74 -8.79 4.65
C GLU A 18 -14.80 -9.71 5.44
N PHE A 19 -13.55 -9.25 5.74
CA PHE A 19 -12.57 -10.15 6.36
C PHE A 19 -11.81 -9.56 7.54
N GLY A 20 -11.35 -10.46 8.41
CA GLY A 20 -10.47 -10.15 9.53
C GLY A 20 -10.98 -9.16 10.56
N VAL A 21 -10.07 -8.33 11.13
CA VAL A 21 -10.48 -7.42 12.21
C VAL A 21 -11.37 -6.30 11.68
N THR A 22 -11.11 -5.76 10.47
CA THR A 22 -11.99 -4.73 9.91
C THR A 22 -13.35 -5.33 9.56
N GLY A 23 -13.36 -6.57 9.07
CA GLY A 23 -14.60 -7.27 8.74
C GLY A 23 -15.46 -7.49 9.97
N ARG A 24 -14.82 -7.86 11.09
CA ARG A 24 -15.46 -8.05 12.39
C ARG A 24 -16.00 -6.68 12.92
N ALA A 25 -15.23 -5.61 12.69
CA ALA A 25 -15.64 -4.26 13.09
C ALA A 25 -16.90 -3.84 12.32
N VAL A 26 -16.98 -4.19 11.01
CA VAL A 26 -18.15 -3.92 10.17
C VAL A 26 -19.36 -4.72 10.70
N LYS A 27 -19.18 -6.04 10.91
CA LYS A 27 -20.24 -6.92 11.43
C LYS A 27 -20.80 -6.44 12.76
N HIS A 28 -19.93 -5.87 13.63
CA HIS A 28 -20.31 -5.37 14.95
C HIS A 28 -20.75 -3.90 14.96
N ASN A 29 -20.90 -3.29 13.77
CA ASN A 29 -21.34 -1.89 13.60
C ASN A 29 -20.43 -0.87 14.31
N LEU A 30 -19.13 -1.18 14.43
CA LEU A 30 -18.13 -0.27 15.02
C LEU A 30 -17.50 0.58 13.90
N LEU A 31 -17.54 0.02 12.68
CA LEU A 31 -16.99 0.62 11.47
C LEU A 31 -18.00 0.47 10.33
N LYS A 32 -18.18 1.53 9.54
CA LYS A 32 -19.04 1.48 8.36
C LYS A 32 -18.23 2.09 7.23
N VAL A 33 -18.16 1.37 6.10
CA VAL A 33 -17.45 1.81 4.90
C VAL A 33 -18.47 1.84 3.77
N GLU A 34 -18.65 3.02 3.12
CA GLU A 34 -19.58 3.18 2.00
C GLU A 34 -18.78 3.66 0.79
N CYS A 35 -19.00 3.04 -0.39
CA CYS A 35 -18.24 3.33 -1.62
C CYS A 35 -19.11 3.93 -2.69
N TRP A 36 -18.56 4.88 -3.45
CA TRP A 36 -19.20 5.48 -4.61
C TRP A 36 -18.18 5.45 -5.75
N ASN A 37 -18.66 5.08 -6.93
CA ASN A 37 -17.83 4.92 -8.11
C ASN A 37 -18.09 6.07 -9.11
N PRO A 38 -17.05 6.87 -9.50
CA PRO A 38 -17.25 7.91 -10.53
C PRO A 38 -17.88 7.42 -11.84
N ARG A 39 -17.68 6.14 -12.23
N ARG A 39 -17.68 6.14 -12.21
CA ARG A 39 -18.28 5.55 -13.44
CA ARG A 39 -18.29 5.49 -13.40
C ARG A 39 -19.81 5.61 -13.40
C ARG A 39 -19.82 5.65 -13.37
N ASP A 40 -20.41 5.58 -12.17
CA ASP A 40 -21.85 5.68 -11.98
C ASP A 40 -22.34 7.13 -12.09
N PHE A 41 -21.42 8.11 -12.28
CA PHE A 41 -21.80 9.53 -12.39
C PHE A 41 -21.53 10.04 -13.81
N THR A 42 -21.29 9.12 -14.74
CA THR A 42 -21.02 9.46 -16.15
C THR A 42 -22.35 9.60 -16.91
N PHE A 43 -22.38 10.46 -17.94
CA PHE A 43 -23.57 10.72 -18.75
C PHE A 43 -23.55 10.05 -20.13
N ASP A 44 -22.35 9.64 -20.59
CA ASP A 44 -22.15 9.10 -21.94
C ASP A 44 -22.24 7.60 -22.02
N LYS A 45 -22.54 7.07 -23.22
CA LYS A 45 -22.67 5.63 -23.49
C LYS A 45 -21.40 4.85 -23.07
N HIS A 46 -20.21 5.40 -23.32
CA HIS A 46 -18.95 4.72 -22.99
C HIS A 46 -18.51 4.91 -21.54
N LYS A 47 -19.32 5.60 -20.70
CA LYS A 47 -19.02 5.78 -19.26
C LYS A 47 -17.58 6.26 -19.03
N THR A 48 -17.17 7.33 -19.76
CA THR A 48 -15.79 7.85 -19.77
C THR A 48 -15.39 8.45 -18.41
N VAL A 49 -14.32 7.92 -17.81
CA VAL A 49 -13.88 8.39 -16.48
C VAL A 49 -12.53 9.08 -16.52
N ASP A 50 -11.90 9.14 -17.72
CA ASP A 50 -10.62 9.81 -17.85
C ASP A 50 -10.69 11.00 -18.77
N ASP A 51 -9.68 11.87 -18.70
CA ASP A 51 -9.64 13.06 -19.54
C ASP A 51 -8.18 13.47 -19.80
N ARG A 52 -7.93 14.22 -20.86
CA ARG A 52 -6.59 14.61 -21.31
C ARG A 52 -6.03 15.77 -20.51
N PRO A 53 -4.73 15.74 -20.17
CA PRO A 53 -4.13 16.87 -19.45
C PRO A 53 -3.88 18.06 -20.38
N TYR A 54 -4.15 19.28 -19.91
CA TYR A 54 -3.84 20.48 -20.69
C TYR A 54 -2.28 20.57 -20.66
N GLY A 55 -1.65 20.99 -21.73
CA GLY A 55 -0.19 21.03 -21.69
C GLY A 55 0.47 19.77 -22.21
N GLY A 56 -0.35 18.75 -22.49
CA GLY A 56 0.07 17.49 -23.08
C GLY A 56 0.95 16.61 -22.23
N GLY A 57 1.76 15.81 -22.92
CA GLY A 57 2.65 14.84 -22.32
C GLY A 57 1.90 13.51 -22.18
N PRO A 58 2.55 12.43 -21.72
CA PRO A 58 1.82 11.18 -21.63
C PRO A 58 0.92 11.11 -20.40
N GLY A 59 -0.04 10.20 -20.45
CA GLY A 59 -0.91 9.96 -19.32
C GLY A 59 -2.19 10.73 -19.40
N MET A 60 -3.16 10.27 -18.63
CA MET A 60 -4.48 10.87 -18.56
C MET A 60 -4.73 11.28 -17.11
N LEU A 61 -5.82 12.00 -16.84
CA LEU A 61 -6.23 12.32 -15.49
C LEU A 61 -7.61 11.76 -15.28
N MET A 62 -8.07 11.73 -14.02
CA MET A 62 -9.48 11.38 -13.75
C MET A 62 -10.32 12.55 -14.39
N MET A 63 -11.45 12.21 -15.06
CA MET A 63 -12.35 13.25 -15.58
C MET A 63 -12.98 13.97 -14.39
N VAL A 64 -12.99 15.29 -14.42
CA VAL A 64 -13.45 16.14 -13.31
C VAL A 64 -14.92 15.90 -12.92
N GLN A 65 -15.87 16.07 -13.87
CA GLN A 65 -17.31 16.01 -13.54
C GLN A 65 -17.71 14.68 -12.83
N PRO A 66 -17.43 13.46 -13.35
CA PRO A 66 -17.87 12.25 -12.63
C PRO A 66 -17.21 12.11 -11.26
N LEU A 67 -15.93 12.49 -11.13
CA LEU A 67 -15.21 12.39 -9.87
C LEU A 67 -15.79 13.37 -8.84
N ARG A 68 -15.97 14.66 -9.21
CA ARG A 68 -16.48 15.73 -8.34
C ARG A 68 -17.89 15.35 -7.86
N ASP A 69 -18.76 14.86 -8.79
CA ASP A 69 -20.13 14.47 -8.44
C ASP A 69 -20.15 13.30 -7.44
N ALA A 70 -19.25 12.30 -7.62
CA ALA A 70 -19.15 11.17 -6.68
C ALA A 70 -18.73 11.71 -5.29
N ILE A 71 -17.74 12.59 -5.26
CA ILE A 71 -17.28 13.19 -3.98
C ILE A 71 -18.46 13.86 -3.27
N HIS A 72 -19.26 14.65 -4.03
CA HIS A 72 -20.43 15.36 -3.45
C HIS A 72 -21.45 14.41 -2.85
N THR A 73 -21.69 13.25 -3.51
CA THR A 73 -22.62 12.26 -2.96
C THR A 73 -22.08 11.67 -1.63
N ALA A 74 -20.76 11.42 -1.55
CA ALA A 74 -20.13 10.94 -0.31
C ALA A 74 -20.24 12.00 0.80
N LYS A 75 -20.01 13.27 0.45
CA LYS A 75 -20.11 14.40 1.40
C LYS A 75 -21.53 14.56 1.94
N ALA A 76 -22.54 14.34 1.09
CA ALA A 76 -23.95 14.41 1.52
C ALA A 76 -24.27 13.24 2.46
N ALA A 77 -23.70 12.04 2.21
CA ALA A 77 -23.91 10.91 3.11
C ALA A 77 -23.18 11.14 4.45
N ALA A 78 -22.00 11.78 4.41
CA ALA A 78 -21.18 12.00 5.61
C ALA A 78 -21.75 13.04 6.57
N GLY A 79 -22.18 14.17 6.04
CA GLY A 79 -22.69 15.27 6.85
C GLY A 79 -21.55 16.10 7.41
N GLU A 80 -21.85 16.89 8.44
CA GLU A 80 -20.86 17.81 8.99
C GLU A 80 -19.65 17.17 9.61
N GLY A 81 -18.51 17.84 9.41
CA GLY A 81 -17.23 17.47 9.98
C GLY A 81 -16.46 16.34 9.32
N ALA A 82 -16.84 15.91 8.12
CA ALA A 82 -16.10 14.84 7.46
C ALA A 82 -14.86 15.43 6.80
N LYS A 83 -13.68 14.85 7.07
CA LYS A 83 -12.42 15.30 6.48
C LYS A 83 -12.23 14.52 5.16
N VAL A 84 -11.89 15.23 4.08
CA VAL A 84 -11.70 14.64 2.75
C VAL A 84 -10.23 14.43 2.47
N ILE A 85 -9.82 13.16 2.37
CA ILE A 85 -8.43 12.77 2.14
C ILE A 85 -8.23 12.28 0.73
N TYR A 86 -7.24 12.88 0.05
CA TYR A 86 -6.85 12.39 -1.27
C TYR A 86 -5.63 11.51 -1.11
N LEU A 87 -5.75 10.25 -1.52
CA LEU A 87 -4.60 9.32 -1.48
C LEU A 87 -3.71 9.70 -2.64
N SER A 88 -2.50 10.20 -2.34
CA SER A 88 -1.65 10.73 -3.40
C SER A 88 -0.18 10.36 -3.23
N PRO A 89 0.58 10.03 -4.30
CA PRO A 89 2.05 9.84 -4.13
C PRO A 89 2.74 11.16 -3.70
N GLN A 90 2.08 12.32 -3.89
CA GLN A 90 2.63 13.65 -3.49
C GLN A 90 2.17 14.07 -2.07
N GLY A 91 1.55 13.14 -1.34
CA GLY A 91 1.02 13.45 -0.01
C GLY A 91 1.97 13.20 1.14
N ARG A 92 1.51 13.53 2.36
CA ARG A 92 2.25 13.31 3.59
C ARG A 92 2.49 11.78 3.74
N LYS A 93 3.75 11.38 4.00
CA LYS A 93 4.04 9.96 4.13
C LYS A 93 3.49 9.42 5.44
N LEU A 94 2.60 8.41 5.36
CA LEU A 94 2.01 7.80 6.54
C LEU A 94 3.06 7.14 7.43
N ASP A 95 2.91 7.36 8.74
CA ASP A 95 3.66 6.74 9.82
C ASP A 95 2.69 6.63 10.98
N GLN A 96 3.07 5.97 12.11
CA GLN A 96 2.14 5.76 13.22
C GLN A 96 1.64 7.06 13.87
N GLY A 97 2.43 8.13 13.85
CA GLY A 97 2.01 9.44 14.35
C GLY A 97 0.87 10.00 13.48
N GLY A 98 0.99 9.83 12.17
CA GLY A 98 -0.01 10.22 11.18
C GLY A 98 -1.29 9.42 11.34
N VAL A 99 -1.16 8.09 11.59
CA VAL A 99 -2.31 7.19 11.83
C VAL A 99 -3.07 7.67 13.07
N THR A 100 -2.33 7.93 14.19
CA THR A 100 -2.95 8.40 15.45
C THR A 100 -3.78 9.68 15.22
N GLU A 101 -3.24 10.60 14.43
CA GLU A 101 -3.87 11.88 14.07
C GLU A 101 -5.14 11.61 13.24
N LEU A 102 -5.02 10.83 12.15
CA LEU A 102 -6.16 10.47 11.28
C LEU A 102 -7.24 9.73 12.04
N ALA A 103 -6.87 8.91 13.06
CA ALA A 103 -7.86 8.16 13.82
C ALA A 103 -8.70 8.99 14.79
N GLN A 104 -8.38 10.29 14.97
CA GLN A 104 -9.20 11.19 15.82
C GLN A 104 -10.51 11.56 15.11
N ASN A 105 -10.58 11.33 13.78
CA ASN A 105 -11.76 11.65 12.97
C ASN A 105 -12.83 10.60 13.06
N GLN A 106 -14.06 11.01 13.41
CA GLN A 106 -15.19 10.08 13.44
C GLN A 106 -15.65 9.80 12.02
N LYS A 107 -15.42 10.75 11.08
CA LYS A 107 -15.83 10.63 9.69
C LYS A 107 -14.69 10.99 8.75
N LEU A 108 -14.47 10.13 7.75
CA LEU A 108 -13.46 10.39 6.72
C LEU A 108 -14.04 10.06 5.38
N ILE A 109 -13.57 10.78 4.35
CA ILE A 109 -13.90 10.48 2.97
C ILE A 109 -12.53 10.26 2.30
N LEU A 110 -12.32 9.07 1.72
CA LEU A 110 -11.06 8.73 1.06
C LEU A 110 -11.26 8.71 -0.44
N VAL A 111 -10.52 9.57 -1.15
CA VAL A 111 -10.63 9.71 -2.60
C VAL A 111 -9.47 8.97 -3.24
N CYS A 112 -9.78 7.98 -4.09
CA CYS A 112 -8.79 7.17 -4.80
C CYS A 112 -8.72 7.60 -6.24
N GLY A 113 -7.52 7.93 -6.66
CA GLY A 113 -7.28 8.31 -8.04
C GLY A 113 -6.67 7.18 -8.82
N ARG A 114 -6.91 7.21 -10.11
CA ARG A 114 -6.36 6.33 -11.11
C ARG A 114 -5.59 7.22 -12.09
N TYR A 115 -4.96 6.60 -13.14
CA TYR A 115 -4.21 7.30 -14.17
C TYR A 115 -3.09 8.15 -13.51
N GLU A 116 -2.84 9.37 -14.01
CA GLU A 116 -1.81 10.22 -13.41
C GLU A 116 -2.34 11.05 -12.24
N GLY A 117 -3.62 10.91 -11.92
CA GLY A 117 -4.17 11.62 -10.76
C GLY A 117 -5.35 12.52 -11.05
N ILE A 118 -5.48 13.60 -10.27
CA ILE A 118 -6.64 14.49 -10.38
C ILE A 118 -6.25 15.94 -10.64
N ASP A 119 -7.17 16.71 -11.21
CA ASP A 119 -7.01 18.12 -11.54
C ASP A 119 -6.60 18.88 -10.27
N GLU A 120 -5.54 19.72 -10.36
CA GLU A 120 -5.02 20.48 -9.23
C GLU A 120 -6.13 21.31 -8.52
N ARG A 121 -7.04 21.89 -9.30
CA ARG A 121 -8.13 22.71 -8.76
C ARG A 121 -9.09 21.90 -7.89
N LEU A 122 -9.24 20.58 -8.17
CA LEU A 122 -10.08 19.71 -7.32
C LEU A 122 -9.46 19.54 -5.94
N ILE A 123 -8.10 19.60 -5.86
CA ILE A 123 -7.41 19.55 -4.57
C ILE A 123 -7.78 20.80 -3.76
N GLN A 124 -7.80 21.99 -4.38
CA GLN A 124 -8.20 23.22 -3.69
C GLN A 124 -9.70 23.21 -3.34
N THR A 125 -10.54 22.80 -4.26
CA THR A 125 -11.98 22.92 -4.02
C THR A 125 -12.60 21.80 -3.17
N GLU A 126 -12.02 20.59 -3.19
CA GLU A 126 -12.67 19.47 -2.49
C GLU A 126 -11.84 18.76 -1.43
N ILE A 127 -10.51 18.82 -1.52
CA ILE A 127 -9.65 18.01 -0.64
C ILE A 127 -9.16 18.76 0.59
N ASP A 128 -9.21 18.10 1.76
CA ASP A 128 -8.69 18.66 3.01
C ASP A 128 -7.21 18.32 3.15
N GLU A 129 -6.83 17.04 2.93
CA GLU A 129 -5.43 16.58 3.11
C GLU A 129 -5.03 15.56 2.06
N GLU A 130 -3.71 15.48 1.77
CA GLU A 130 -3.14 14.51 0.85
C GLU A 130 -2.20 13.59 1.64
N TRP A 131 -2.31 12.28 1.40
CA TRP A 131 -1.49 11.28 2.11
C TRP A 131 -1.00 10.19 1.18
N SER A 132 0.28 9.80 1.38
CA SER A 132 0.97 8.70 0.70
C SER A 132 1.17 7.59 1.73
N ILE A 133 1.31 6.33 1.28
CA ILE A 133 1.60 5.23 2.23
C ILE A 133 3.06 4.82 2.16
N GLY A 134 3.82 5.42 1.26
CA GLY A 134 5.23 5.09 1.09
C GLY A 134 5.84 5.49 -0.23
N ASP A 135 7.20 5.46 -0.30
CA ASP A 135 7.95 5.88 -1.48
C ASP A 135 8.12 4.75 -2.49
N TYR A 136 6.99 4.33 -3.04
CA TYR A 136 6.91 3.28 -4.06
C TYR A 136 5.76 3.56 -4.97
N VAL A 137 5.87 3.12 -6.23
CA VAL A 137 4.88 3.41 -7.23
C VAL A 137 3.83 2.30 -7.32
N LEU A 138 2.56 2.70 -7.15
CA LEU A 138 1.39 1.82 -7.25
C LEU A 138 0.55 2.26 -8.44
N THR A 139 -0.43 1.44 -8.84
CA THR A 139 -1.30 1.71 -9.99
C THR A 139 -2.51 2.57 -9.64
N GLY A 140 -2.72 2.83 -8.35
CA GLY A 140 -3.86 3.61 -7.90
C GLY A 140 -3.89 3.83 -6.41
N GLY A 141 -4.88 4.59 -5.94
CA GLY A 141 -5.05 4.94 -4.53
C GLY A 141 -5.81 3.96 -3.67
N GLU A 142 -6.35 2.88 -4.26
CA GLU A 142 -7.17 1.90 -3.53
C GLU A 142 -6.43 1.13 -2.44
N LEU A 143 -5.26 0.51 -2.77
CA LEU A 143 -4.48 -0.21 -1.74
C LEU A 143 -4.00 0.76 -0.64
N PRO A 144 -3.55 1.99 -0.98
CA PRO A 144 -3.28 2.98 0.08
C PRO A 144 -4.48 3.31 0.98
N ALA A 145 -5.70 3.51 0.39
CA ALA A 145 -6.94 3.80 1.16
C ALA A 145 -7.28 2.63 2.08
N MET A 146 -7.18 1.39 1.57
CA MET A 146 -7.44 0.16 2.32
C MET A 146 -6.43 0.04 3.48
N THR A 147 -5.16 0.36 3.23
CA THR A 147 -4.09 0.34 4.22
C THR A 147 -4.40 1.37 5.33
N LEU A 148 -4.81 2.59 4.95
CA LEU A 148 -5.18 3.65 5.89
C LEU A 148 -6.39 3.19 6.74
N ILE A 149 -7.42 2.57 6.11
CA ILE A 149 -8.60 2.10 6.86
C ILE A 149 -8.18 1.11 7.96
N ASP A 150 -7.41 0.10 7.57
CA ASP A 150 -6.96 -0.94 8.49
C ASP A 150 -6.19 -0.33 9.67
N ALA A 151 -5.26 0.59 9.40
CA ALA A 151 -4.46 1.25 10.43
C ALA A 151 -5.30 2.07 11.42
N VAL A 152 -6.24 2.88 10.93
CA VAL A 152 -7.09 3.73 11.80
C VAL A 152 -8.15 2.91 12.53
N ALA A 153 -8.67 1.83 11.91
CA ALA A 153 -9.71 0.97 12.52
C ALA A 153 -9.25 0.37 13.86
N ARG A 154 -7.93 0.17 14.04
CA ARG A 154 -7.33 -0.37 15.27
C ARG A 154 -7.60 0.56 16.47
N PHE A 155 -7.86 1.86 16.20
CA PHE A 155 -8.15 2.86 17.23
C PHE A 155 -9.60 2.92 17.66
N ILE A 156 -10.51 2.25 16.91
CA ILE A 156 -11.93 2.26 17.25
C ILE A 156 -12.14 1.41 18.52
N PRO A 157 -12.73 1.98 19.61
CA PRO A 157 -12.97 1.15 20.81
C PRO A 157 -13.83 -0.07 20.51
N GLY A 158 -13.34 -1.24 20.95
CA GLY A 158 -14.01 -2.52 20.75
C GLY A 158 -13.52 -3.34 19.56
N VAL A 159 -12.72 -2.73 18.66
CA VAL A 159 -12.21 -3.40 17.47
C VAL A 159 -11.13 -4.43 17.84
N LEU A 160 -10.30 -4.14 18.86
CA LEU A 160 -9.27 -5.06 19.30
C LEU A 160 -9.73 -5.88 20.50
N GLY A 174 10.29 0.01 22.23
CA GLY A 174 10.66 0.66 20.98
C GLY A 174 11.89 0.11 20.30
N LEU A 175 12.13 -1.22 20.46
CA LEU A 175 13.28 -1.95 19.92
C LEU A 175 12.82 -3.09 18.98
N LEU A 176 13.76 -3.69 18.20
CA LEU A 176 13.46 -4.85 17.36
C LEU A 176 13.13 -5.99 18.32
N ASP A 177 12.00 -6.67 18.08
CA ASP A 177 11.51 -7.76 18.92
C ASP A 177 12.55 -8.83 19.15
N CYS A 178 12.45 -9.54 20.28
CA CYS A 178 13.32 -10.66 20.57
C CYS A 178 12.79 -11.84 19.74
N PRO A 179 13.58 -12.90 19.46
CA PRO A 179 13.00 -14.03 18.72
C PRO A 179 11.93 -14.72 19.57
N HIS A 180 10.90 -15.27 18.90
CA HIS A 180 9.82 -16.01 19.56
C HIS A 180 9.68 -17.42 18.98
N TYR A 181 9.33 -18.38 19.82
CA TYR A 181 9.22 -19.81 19.50
C TYR A 181 7.92 -20.38 20.02
N THR A 182 7.39 -21.36 19.29
CA THR A 182 6.22 -22.12 19.70
C THR A 182 6.54 -23.61 19.45
N ARG A 183 5.60 -24.53 19.74
CA ARG A 183 5.81 -25.96 19.50
C ARG A 183 6.16 -26.23 18.03
N PRO A 184 7.02 -27.22 17.70
CA PRO A 184 7.63 -28.24 18.55
C PRO A 184 8.94 -27.79 19.17
N GLU A 185 9.46 -28.60 20.09
CA GLU A 185 10.74 -28.37 20.75
C GLU A 185 11.87 -28.43 19.71
N VAL A 186 11.79 -29.36 18.72
CA VAL A 186 12.81 -29.50 17.65
C VAL A 186 12.15 -29.32 16.30
N LEU A 187 12.51 -28.25 15.59
CA LEU A 187 11.93 -27.92 14.28
C LEU A 187 13.06 -27.89 13.28
N GLU A 188 13.04 -28.85 12.33
CA GLU A 188 14.11 -29.04 11.34
C GLU A 188 15.48 -29.11 12.02
N GLY A 189 15.55 -29.86 13.11
CA GLY A 189 16.78 -30.02 13.88
C GLY A 189 17.18 -28.80 14.71
N LEU A 190 16.38 -27.70 14.68
CA LEU A 190 16.67 -26.50 15.46
C LEU A 190 15.93 -26.53 16.79
N THR A 191 16.67 -26.31 17.89
CA THR A 191 16.07 -26.39 19.24
C THR A 191 15.69 -25.03 19.81
N VAL A 192 14.72 -25.01 20.72
CA VAL A 192 14.26 -23.80 21.40
C VAL A 192 15.31 -23.48 22.48
N PRO A 193 15.81 -22.24 22.59
CA PRO A 193 16.76 -21.93 23.67
C PRO A 193 16.29 -22.49 25.01
N PRO A 194 17.10 -23.33 25.71
CA PRO A 194 16.65 -23.96 26.98
C PRO A 194 16.03 -23.03 28.02
N VAL A 195 16.48 -21.75 28.07
CA VAL A 195 15.99 -20.68 28.96
C VAL A 195 14.46 -20.60 28.86
N LEU A 196 13.92 -20.51 27.63
CA LEU A 196 12.47 -20.57 27.43
C LEU A 196 12.19 -22.06 27.51
N MET A 197 11.28 -22.50 28.42
CA MET A 197 10.93 -23.91 28.72
C MET A 197 11.40 -24.36 30.12
N SER A 198 12.31 -23.58 30.75
CA SER A 198 12.89 -23.84 32.08
C SER A 198 11.84 -23.99 33.18
N HIS A 200 10.79 -19.33 34.30
CA HIS A 200 11.64 -18.55 35.21
C HIS A 200 11.32 -17.04 35.18
N HIS A 201 11.92 -16.30 34.21
CA HIS A 201 11.81 -14.85 34.00
C HIS A 201 12.56 -14.03 35.10
N GLU A 202 13.75 -13.42 34.82
CA GLU A 202 14.58 -13.39 33.60
C GLU A 202 13.79 -12.73 32.39
N GLU A 203 13.65 -11.40 32.44
CA GLU A 203 13.01 -10.62 31.36
C GLU A 203 14.02 -10.45 30.21
N ILE A 204 15.29 -10.84 30.50
CA ILE A 204 16.47 -10.95 29.66
C ILE A 204 16.97 -12.37 29.98
N ARG A 205 17.42 -13.22 29.03
CA ARG A 205 17.80 -13.05 27.63
C ARG A 205 16.75 -12.43 26.69
N LYS A 206 15.44 -12.42 27.01
CA LYS A 206 14.45 -11.79 26.12
C LYS A 206 14.84 -10.32 25.80
N TRP A 207 15.14 -9.50 26.84
CA TRP A 207 15.55 -8.10 26.70
C TRP A 207 16.93 -7.98 26.06
N ARG A 208 17.87 -8.84 26.49
CA ARG A 208 19.24 -8.89 25.98
C ARG A 208 19.29 -9.27 24.49
N LEU A 209 18.45 -10.23 24.06
CA LEU A 209 18.33 -10.67 22.65
C LEU A 209 17.66 -9.56 21.83
N LYS A 210 16.63 -8.89 22.40
CA LYS A 210 15.94 -7.77 21.77
C LYS A 210 16.93 -6.63 21.47
N GLN A 211 17.88 -6.38 22.39
CA GLN A 211 18.93 -5.37 22.26
C GLN A 211 20.05 -5.85 21.32
N SER A 212 20.49 -7.12 21.47
CA SER A 212 21.51 -7.73 20.65
C SER A 212 21.10 -7.71 19.17
N LEU A 213 19.83 -8.07 18.88
CA LEU A 213 19.27 -8.06 17.52
C LEU A 213 19.20 -6.63 16.97
N GLN A 214 18.81 -5.67 17.83
CA GLN A 214 18.73 -4.24 17.48
C GLN A 214 20.14 -3.69 17.16
N ARG A 215 21.15 -4.05 17.96
CA ARG A 215 22.54 -3.62 17.79
C ARG A 215 23.21 -4.17 16.52
N THR A 216 23.04 -5.48 16.26
CA THR A 216 23.66 -6.18 15.11
C THR A 216 22.91 -5.98 13.78
N TRP A 217 21.64 -5.52 13.79
CA TRP A 217 20.88 -5.38 12.55
C TRP A 217 20.39 -3.96 12.20
N LEU A 218 19.78 -3.21 13.14
CA LEU A 218 19.23 -1.89 12.79
C LEU A 218 19.57 -0.73 13.75
N ARG A 219 20.14 0.35 13.18
CA ARG A 219 20.49 1.58 13.90
C ARG A 219 20.51 2.78 12.96
N MET B 1 4.90 -13.46 -14.70
CA MET B 1 5.34 -13.59 -13.32
C MET B 1 4.32 -14.43 -12.54
N TRP B 2 4.81 -15.27 -11.63
CA TRP B 2 3.99 -16.13 -10.79
C TRP B 2 4.21 -15.74 -9.34
N ILE B 3 3.11 -15.56 -8.61
CA ILE B 3 3.17 -15.20 -7.20
C ILE B 3 2.30 -16.15 -6.35
N GLY B 4 2.91 -16.83 -5.41
CA GLY B 4 2.24 -17.71 -4.47
C GLY B 4 1.99 -16.93 -3.19
N VAL B 5 0.83 -17.11 -2.55
CA VAL B 5 0.49 -16.37 -1.34
C VAL B 5 0.06 -17.31 -0.24
N ILE B 6 0.57 -17.08 0.99
CA ILE B 6 0.11 -17.82 2.18
C ILE B 6 -0.65 -16.81 3.04
N SER B 7 -1.97 -17.04 3.25
CA SER B 7 -2.80 -16.11 3.99
C SER B 7 -4.00 -16.81 4.61
N LEU B 8 -4.41 -16.34 5.81
CA LEU B 8 -5.60 -16.81 6.52
C LEU B 8 -6.85 -16.19 5.87
N PHE B 9 -6.67 -15.17 5.00
CA PHE B 9 -7.81 -14.51 4.34
C PHE B 9 -7.51 -14.44 2.81
N PRO B 10 -7.41 -15.61 2.11
CA PRO B 10 -7.03 -15.58 0.67
C PRO B 10 -8.00 -14.81 -0.22
N GLU B 11 -9.28 -14.73 0.17
CA GLU B 11 -10.28 -13.99 -0.65
C GLU B 11 -9.98 -12.49 -0.77
N MET B 12 -9.18 -11.94 0.18
CA MET B 12 -8.75 -10.54 0.11
C MET B 12 -8.02 -10.27 -1.22
N PHE B 13 -7.29 -11.28 -1.73
CA PHE B 13 -6.46 -11.15 -2.93
C PHE B 13 -7.28 -11.02 -4.24
N LYS B 14 -8.60 -11.21 -4.18
CA LYS B 14 -9.48 -10.93 -5.33
C LYS B 14 -9.40 -9.43 -5.66
N ALA B 15 -9.10 -8.56 -4.67
CA ALA B 15 -8.99 -7.11 -4.91
C ALA B 15 -7.86 -6.84 -5.93
N ILE B 16 -6.85 -7.72 -5.94
CA ILE B 16 -5.72 -7.65 -6.88
C ILE B 16 -6.03 -8.40 -8.19
N THR B 17 -6.51 -9.65 -8.10
CA THR B 17 -6.63 -10.49 -9.30
C THR B 17 -7.84 -10.21 -10.19
N GLU B 18 -8.86 -9.55 -9.67
CA GLU B 18 -10.09 -9.32 -10.43
C GLU B 18 -10.25 -7.88 -10.95
N PHE B 19 -9.39 -6.94 -10.50
CA PHE B 19 -9.59 -5.52 -10.84
C PHE B 19 -8.36 -4.79 -11.31
N GLY B 20 -8.60 -3.75 -12.12
CA GLY B 20 -7.62 -2.81 -12.60
C GLY B 20 -6.47 -3.38 -13.40
N VAL B 21 -5.29 -2.78 -13.20
CA VAL B 21 -4.06 -3.15 -13.91
C VAL B 21 -3.65 -4.60 -13.66
N THR B 22 -3.62 -5.00 -12.38
CA THR B 22 -3.25 -6.37 -11.98
C THR B 22 -4.30 -7.35 -12.47
N GLY B 23 -5.58 -6.95 -12.46
CA GLY B 23 -6.67 -7.80 -12.94
C GLY B 23 -6.55 -8.09 -14.42
N ARG B 24 -6.22 -7.05 -15.22
CA ARG B 24 -6.02 -7.22 -16.66
C ARG B 24 -4.74 -8.06 -16.92
N ALA B 25 -3.69 -7.91 -16.07
CA ALA B 25 -2.46 -8.72 -16.17
C ALA B 25 -2.80 -10.21 -15.96
N VAL B 26 -3.71 -10.50 -15.00
CA VAL B 26 -4.18 -11.87 -14.73
C VAL B 26 -4.95 -12.40 -15.95
N LYS B 27 -5.93 -11.62 -16.46
CA LYS B 27 -6.75 -12.00 -17.62
C LYS B 27 -5.89 -12.26 -18.85
N HIS B 28 -4.78 -11.50 -19.02
CA HIS B 28 -3.86 -11.64 -20.16
C HIS B 28 -2.72 -12.64 -19.93
N ASN B 29 -2.78 -13.42 -18.83
CA ASN B 29 -1.79 -14.43 -18.45
C ASN B 29 -0.35 -13.89 -18.34
N LEU B 30 -0.20 -12.61 -17.95
CA LEU B 30 1.10 -11.98 -17.72
C LEU B 30 1.48 -12.15 -16.23
N LEU B 31 0.46 -12.31 -15.38
CA LEU B 31 0.58 -12.47 -13.93
C LEU B 31 -0.34 -13.59 -13.48
N LYS B 32 0.14 -14.43 -12.56
CA LYS B 32 -0.68 -15.48 -11.96
C LYS B 32 -0.45 -15.40 -10.46
N VAL B 33 -1.53 -15.36 -9.70
CA VAL B 33 -1.47 -15.29 -8.22
C VAL B 33 -2.25 -16.50 -7.72
N GLU B 34 -1.60 -17.35 -6.89
CA GLU B 34 -2.25 -18.53 -6.30
C GLU B 34 -2.14 -18.41 -4.77
N CYS B 35 -3.24 -18.67 -4.06
CA CYS B 35 -3.31 -18.53 -2.60
C CYS B 35 -3.56 -19.86 -1.89
N TRP B 36 -2.92 -20.03 -0.73
CA TRP B 36 -3.11 -21.18 0.14
C TRP B 36 -3.34 -20.65 1.53
N ASN B 37 -4.30 -21.24 2.23
CA ASN B 37 -4.70 -20.82 3.57
C ASN B 37 -4.26 -21.85 4.62
N PRO B 38 -3.42 -21.47 5.62
CA PRO B 38 -3.05 -22.44 6.70
C PRO B 38 -4.23 -23.12 7.38
N ARG B 39 -5.41 -22.43 7.48
CA ARG B 39 -6.61 -23.04 8.09
C ARG B 39 -7.05 -24.33 7.34
N ASP B 40 -6.72 -24.43 6.04
CA ASP B 40 -7.03 -25.62 5.23
C ASP B 40 -6.00 -26.76 5.47
N PHE B 41 -4.99 -26.52 6.32
CA PHE B 41 -3.97 -27.51 6.61
C PHE B 41 -4.09 -27.97 8.06
N THR B 42 -5.21 -27.60 8.73
CA THR B 42 -5.46 -27.97 10.12
C THR B 42 -6.12 -29.37 10.20
N PHE B 43 -5.87 -30.11 11.29
CA PHE B 43 -6.41 -31.45 11.49
C PHE B 43 -7.58 -31.52 12.51
N ASP B 44 -7.75 -30.46 13.33
CA ASP B 44 -8.73 -30.44 14.41
C ASP B 44 -10.05 -29.79 14.04
N LYS B 45 -11.12 -30.13 14.78
CA LYS B 45 -12.48 -29.61 14.60
C LYS B 45 -12.52 -28.07 14.59
N HIS B 46 -11.78 -27.43 15.50
CA HIS B 46 -11.77 -25.97 15.62
C HIS B 46 -10.81 -25.27 14.64
N LYS B 47 -10.13 -26.03 13.75
CA LYS B 47 -9.24 -25.45 12.73
C LYS B 47 -8.25 -24.44 13.33
N THR B 48 -7.56 -24.86 14.41
CA THR B 48 -6.63 -24.02 15.19
C THR B 48 -5.39 -23.60 14.40
N VAL B 49 -5.20 -22.29 14.24
CA VAL B 49 -4.07 -21.77 13.46
C VAL B 49 -3.07 -21.02 14.34
N ASP B 50 -3.34 -20.93 15.64
CA ASP B 50 -2.43 -20.23 16.54
C ASP B 50 -1.89 -21.18 17.60
N ASP B 51 -0.81 -20.79 18.26
CA ASP B 51 -0.18 -21.60 19.28
C ASP B 51 0.54 -20.66 20.26
N ARG B 52 0.75 -21.16 21.48
CA ARG B 52 1.33 -20.42 22.59
C ARG B 52 2.85 -20.29 22.50
N PRO B 53 3.40 -19.09 22.80
CA PRO B 53 4.87 -18.96 22.77
C PRO B 53 5.53 -19.65 23.96
N TYR B 54 6.70 -20.28 23.73
CA TYR B 54 7.49 -20.85 24.82
C TYR B 54 8.02 -19.65 25.63
N GLY B 55 8.05 -19.77 26.95
CA GLY B 55 8.52 -18.68 27.79
C GLY B 55 7.43 -17.69 28.18
N GLY B 56 6.21 -17.90 27.68
CA GLY B 56 5.04 -17.10 28.00
C GLY B 56 5.02 -15.67 27.51
N GLY B 57 4.31 -14.84 28.24
CA GLY B 57 4.11 -13.44 27.89
C GLY B 57 2.85 -13.30 27.07
N PRO B 58 2.45 -12.07 26.69
CA PRO B 58 1.21 -11.94 25.91
C PRO B 58 1.39 -12.27 24.43
N GLY B 59 0.28 -12.58 23.80
CA GLY B 59 0.23 -12.85 22.37
C GLY B 59 0.42 -14.31 22.01
N MET B 60 0.02 -14.63 20.78
CA MET B 60 0.12 -15.97 20.25
C MET B 60 0.99 -15.90 19.01
N LEU B 61 1.44 -17.07 18.57
CA LEU B 61 2.21 -17.18 17.35
C LEU B 61 1.37 -18.03 16.42
N MET B 62 1.64 -17.97 15.13
CA MET B 62 0.95 -18.85 14.20
C MET B 62 1.43 -20.27 14.51
N MET B 63 0.52 -21.23 14.47
CA MET B 63 0.87 -22.63 14.73
C MET B 63 1.81 -23.09 13.59
N VAL B 64 2.92 -23.73 13.94
CA VAL B 64 3.96 -24.14 12.97
C VAL B 64 3.44 -25.13 11.88
N GLN B 65 2.86 -26.27 12.27
CA GLN B 65 2.45 -27.31 11.31
C GLN B 65 1.50 -26.76 10.20
N PRO B 66 0.34 -26.11 10.46
CA PRO B 66 -0.51 -25.66 9.35
C PRO B 66 0.18 -24.62 8.46
N LEU B 67 0.95 -23.71 9.08
CA LEU B 67 1.66 -22.68 8.31
C LEU B 67 2.76 -23.27 7.44
N ARG B 68 3.61 -24.14 8.01
CA ARG B 68 4.71 -24.75 7.23
C ARG B 68 4.17 -25.62 6.12
N ASP B 69 3.11 -26.41 6.39
CA ASP B 69 2.50 -27.25 5.35
C ASP B 69 1.97 -26.39 4.21
N ALA B 70 1.33 -25.24 4.51
CA ALA B 70 0.82 -24.34 3.46
C ALA B 70 2.00 -23.80 2.63
N ILE B 71 3.08 -23.37 3.30
CA ILE B 71 4.30 -22.87 2.60
C ILE B 71 4.82 -23.95 1.65
N HIS B 72 4.91 -25.21 2.15
CA HIS B 72 5.41 -26.33 1.32
C HIS B 72 4.54 -26.56 0.09
N THR B 73 3.21 -26.44 0.22
CA THR B 73 2.31 -26.61 -0.95
C THR B 73 2.58 -25.49 -1.98
N ALA B 74 2.79 -24.25 -1.53
CA ALA B 74 3.12 -23.12 -2.43
C ALA B 74 4.47 -23.38 -3.11
N LYS B 75 5.48 -23.86 -2.36
CA LYS B 75 6.81 -24.19 -2.91
C LYS B 75 6.76 -25.28 -3.97
N ALA B 76 5.90 -26.30 -3.75
CA ALA B 76 5.71 -27.38 -4.73
C ALA B 76 5.02 -26.83 -6.00
N ALA B 77 4.06 -25.90 -5.84
CA ALA B 77 3.43 -25.30 -7.02
C ALA B 77 4.41 -24.39 -7.77
N ALA B 78 5.30 -23.68 -7.03
CA ALA B 78 6.26 -22.75 -7.63
C ALA B 78 7.32 -23.41 -8.48
N GLY B 79 7.85 -24.53 -8.01
CA GLY B 79 8.97 -25.16 -8.67
C GLY B 79 10.24 -24.43 -8.24
N GLU B 80 11.33 -24.65 -8.97
CA GLU B 80 12.63 -24.06 -8.64
C GLU B 80 12.75 -22.57 -8.82
N GLY B 81 13.53 -21.96 -7.94
CA GLY B 81 13.90 -20.55 -7.98
C GLY B 81 12.95 -19.56 -7.36
N ALA B 82 11.98 -19.98 -6.54
CA ALA B 82 11.06 -19.01 -5.94
C ALA B 82 11.60 -18.43 -4.66
N LYS B 83 11.68 -17.10 -4.61
CA LYS B 83 12.12 -16.42 -3.40
C LYS B 83 10.93 -16.32 -2.43
N VAL B 84 11.15 -16.67 -1.17
CA VAL B 84 10.11 -16.67 -0.14
C VAL B 84 10.22 -15.42 0.73
N ILE B 85 9.22 -14.56 0.64
CA ILE B 85 9.17 -13.30 1.38
C ILE B 85 8.18 -13.35 2.52
N TYR B 86 8.63 -12.99 3.72
CA TYR B 86 7.76 -12.88 4.87
C TYR B 86 7.43 -11.40 5.08
N LEU B 87 6.13 -11.08 5.04
CA LEU B 87 5.67 -9.71 5.28
C LEU B 87 5.70 -9.51 6.79
N SER B 88 6.51 -8.59 7.32
CA SER B 88 6.54 -8.40 8.78
C SER B 88 6.75 -6.95 9.12
N PRO B 89 6.20 -6.45 10.23
CA PRO B 89 6.38 -5.02 10.56
C PRO B 89 7.83 -4.59 10.76
N GLN B 90 8.75 -5.54 11.08
CA GLN B 90 10.16 -5.19 11.28
C GLN B 90 11.08 -5.55 10.11
N GLY B 91 10.51 -5.94 8.96
CA GLY B 91 11.31 -6.25 7.77
C GLY B 91 11.85 -5.03 7.07
N ARG B 92 12.61 -5.19 5.97
CA ARG B 92 13.17 -4.10 5.17
C ARG B 92 12.01 -3.20 4.67
N LYS B 93 12.12 -1.89 4.90
CA LYS B 93 11.06 -0.98 4.48
C LYS B 93 11.06 -0.83 2.96
N LEU B 94 9.92 -1.15 2.34
CA LEU B 94 9.77 -1.03 0.89
C LEU B 94 9.90 0.43 0.41
N ASP B 95 10.63 0.61 -0.67
CA ASP B 95 10.80 1.85 -1.41
C ASP B 95 10.96 1.44 -2.88
N GLN B 96 11.02 2.38 -3.83
CA GLN B 96 11.07 2.04 -5.26
C GLN B 96 12.33 1.23 -5.65
N GLY B 97 13.44 1.43 -4.94
CA GLY B 97 14.65 0.64 -5.16
C GLY B 97 14.43 -0.82 -4.78
N GLY B 98 13.74 -1.04 -3.67
CA GLY B 98 13.34 -2.37 -3.20
C GLY B 98 12.37 -3.04 -4.15
N VAL B 99 11.38 -2.26 -4.69
CA VAL B 99 10.41 -2.77 -5.69
C VAL B 99 11.17 -3.24 -6.94
N THR B 100 12.09 -2.41 -7.46
CA THR B 100 12.86 -2.74 -8.69
C THR B 100 13.63 -4.06 -8.49
N GLU B 101 14.22 -4.24 -7.30
CA GLU B 101 14.98 -5.44 -6.90
C GLU B 101 14.03 -6.66 -6.86
N LEU B 102 12.91 -6.55 -6.12
CA LEU B 102 11.91 -7.61 -6.02
C LEU B 102 11.32 -7.97 -7.37
N ALA B 103 11.23 -6.99 -8.30
CA ALA B 103 10.67 -7.17 -9.64
C ALA B 103 11.56 -7.98 -10.60
N GLN B 104 12.80 -8.31 -10.18
CA GLN B 104 13.70 -9.12 -11.01
C GLN B 104 13.32 -10.61 -10.90
N ASN B 105 12.53 -10.98 -9.88
CA ASN B 105 12.11 -12.36 -9.64
C ASN B 105 10.95 -12.78 -10.51
N GLN B 106 11.11 -13.90 -11.25
CA GLN B 106 10.02 -14.44 -12.05
C GLN B 106 8.99 -15.13 -11.14
N LYS B 107 9.43 -15.63 -9.97
CA LYS B 107 8.59 -16.33 -9.00
C LYS B 107 8.80 -15.80 -7.61
N LEU B 108 7.71 -15.56 -6.89
CA LEU B 108 7.76 -15.13 -5.49
C LEU B 108 6.72 -15.88 -4.72
N ILE B 109 7.01 -16.11 -3.44
CA ILE B 109 6.05 -16.65 -2.50
C ILE B 109 5.96 -15.62 -1.38
N LEU B 110 4.76 -15.09 -1.14
CA LEU B 110 4.53 -14.10 -0.09
C LEU B 110 3.80 -14.73 1.09
N VAL B 111 4.42 -14.68 2.28
CA VAL B 111 3.85 -15.27 3.48
C VAL B 111 3.28 -14.17 4.34
N CYS B 112 1.95 -14.17 4.57
CA CYS B 112 1.32 -13.17 5.43
C CYS B 112 1.12 -13.82 6.76
N GLY B 113 1.42 -13.06 7.80
CA GLY B 113 1.21 -13.46 9.17
C GLY B 113 0.11 -12.64 9.83
N ARG B 114 -0.44 -13.25 10.90
CA ARG B 114 -1.43 -12.74 11.84
C ARG B 114 -0.79 -12.90 13.22
N TYR B 115 -1.49 -12.51 14.30
CA TYR B 115 -1.03 -12.60 15.71
C TYR B 115 0.29 -11.88 15.89
N GLU B 116 1.19 -12.41 16.73
CA GLU B 116 2.49 -11.79 16.94
C GLU B 116 3.51 -12.20 15.90
N GLY B 117 3.13 -13.15 15.05
CA GLY B 117 3.98 -13.57 13.95
C GLY B 117 4.26 -15.04 13.88
N ILE B 118 5.46 -15.38 13.42
CA ILE B 118 5.83 -16.75 13.19
C ILE B 118 7.08 -17.18 13.97
N ASP B 119 7.21 -18.49 14.23
CA ASP B 119 8.32 -19.10 14.95
C ASP B 119 9.64 -18.69 14.29
N GLU B 120 10.63 -18.25 15.10
CA GLU B 120 11.94 -17.82 14.61
C GLU B 120 12.60 -18.84 13.68
N ARG B 121 12.49 -20.12 14.02
CA ARG B 121 13.10 -21.21 13.24
C ARG B 121 12.51 -21.30 11.84
N LEU B 122 11.20 -20.93 11.66
CA LEU B 122 10.59 -20.91 10.34
C LEU B 122 11.20 -19.84 9.47
N ILE B 123 11.62 -18.71 10.07
CA ILE B 123 12.32 -17.64 9.35
C ILE B 123 13.64 -18.18 8.80
N GLN B 124 14.38 -18.87 9.67
CA GLN B 124 15.65 -19.47 9.33
C GLN B 124 15.56 -20.55 8.27
N THR B 125 14.51 -21.42 8.31
CA THR B 125 14.36 -22.60 7.43
C THR B 125 13.50 -22.41 6.18
N GLU B 126 12.52 -21.50 6.21
CA GLU B 126 11.62 -21.33 5.06
C GLU B 126 11.62 -19.95 4.41
N ILE B 127 12.06 -18.91 5.12
CA ILE B 127 12.01 -17.53 4.60
C ILE B 127 13.34 -17.07 4.02
N ASP B 128 13.29 -16.44 2.85
CA ASP B 128 14.48 -15.87 2.23
C ASP B 128 14.67 -14.42 2.69
N GLU B 129 13.58 -13.60 2.69
CA GLU B 129 13.66 -12.18 3.05
C GLU B 129 12.44 -11.71 3.83
N GLU B 130 12.62 -10.67 4.66
CA GLU B 130 11.55 -10.03 5.42
C GLU B 130 11.38 -8.59 4.91
N TRP B 131 10.12 -8.19 4.68
CA TRP B 131 9.79 -6.86 4.15
C TRP B 131 8.58 -6.24 4.85
N SER B 132 8.64 -4.93 5.03
CA SER B 132 7.59 -4.09 5.63
C SER B 132 7.20 -3.09 4.55
N ILE B 133 5.98 -2.52 4.60
CA ILE B 133 5.57 -1.50 3.60
C ILE B 133 5.59 -0.06 4.18
N GLY B 134 5.89 0.05 5.47
CA GLY B 134 5.91 1.37 6.10
C GLY B 134 5.89 1.34 7.61
N ASP B 135 6.26 2.48 8.22
CA ASP B 135 6.32 2.63 9.68
C ASP B 135 4.97 2.96 10.28
N TYR B 136 4.03 2.03 10.14
CA TYR B 136 2.68 2.12 10.68
C TYR B 136 2.20 0.73 11.02
N VAL B 137 1.31 0.63 12.00
CA VAL B 137 0.82 -0.64 12.49
C VAL B 137 -0.48 -1.06 11.77
N LEU B 138 -0.46 -2.25 11.18
CA LEU B 138 -1.59 -2.88 10.49
C LEU B 138 -2.00 -4.14 11.24
N THR B 139 -3.15 -4.75 10.88
CA THR B 139 -3.67 -5.95 11.57
C THR B 139 -3.07 -7.27 11.00
N GLY B 140 -2.37 -7.18 9.89
CA GLY B 140 -1.79 -8.36 9.25
C GLY B 140 -0.96 -8.05 8.02
N GLY B 141 -0.42 -9.09 7.40
CA GLY B 141 0.45 -8.96 6.24
C GLY B 141 -0.22 -8.92 4.88
N GLU B 142 -1.55 -9.06 4.82
CA GLU B 142 -2.30 -9.13 3.54
C GLU B 142 -2.24 -7.85 2.72
N LEU B 143 -2.59 -6.68 3.32
CA LEU B 143 -2.52 -5.40 2.58
C LEU B 143 -1.08 -5.11 2.16
N PRO B 144 -0.04 -5.35 3.02
CA PRO B 144 1.35 -5.25 2.55
C PRO B 144 1.69 -6.16 1.35
N ALA B 145 1.24 -7.45 1.36
CA ALA B 145 1.50 -8.39 0.25
C ALA B 145 0.84 -7.91 -1.05
N MET B 146 -0.43 -7.41 -0.98
CA MET B 146 -1.17 -6.90 -2.13
C MET B 146 -0.47 -5.63 -2.65
N THR B 147 -0.01 -4.79 -1.74
CA THR B 147 0.73 -3.56 -2.10
C THR B 147 2.02 -3.95 -2.87
N LEU B 148 2.77 -4.95 -2.36
CA LEU B 148 4.00 -5.45 -3.00
C LEU B 148 3.66 -6.02 -4.40
N ILE B 149 2.57 -6.81 -4.53
CA ILE B 149 2.16 -7.36 -5.82
C ILE B 149 1.92 -6.25 -6.85
N ASP B 150 1.09 -5.27 -6.48
CA ASP B 150 0.75 -4.15 -7.38
C ASP B 150 2.02 -3.43 -7.85
N ALA B 151 2.94 -3.13 -6.93
CA ALA B 151 4.19 -2.42 -7.24
C ALA B 151 5.08 -3.21 -8.22
N VAL B 152 5.30 -4.52 -7.97
CA VAL B 152 6.15 -5.34 -8.84
C VAL B 152 5.49 -5.68 -10.17
N ALA B 153 4.15 -5.83 -10.20
CA ALA B 153 3.40 -6.17 -11.42
C ALA B 153 3.61 -5.13 -12.54
N ARG B 154 3.87 -3.87 -12.17
CA ARG B 154 4.13 -2.78 -13.11
C ARG B 154 5.38 -3.06 -13.98
N PHE B 155 6.31 -3.88 -13.46
CA PHE B 155 7.55 -4.26 -14.15
C PHE B 155 7.39 -5.42 -15.13
N ILE B 156 6.24 -6.12 -15.11
CA ILE B 156 6.01 -7.24 -16.02
C ILE B 156 5.80 -6.68 -17.44
N PRO B 157 6.61 -7.08 -18.46
CA PRO B 157 6.40 -6.54 -19.81
C PRO B 157 4.98 -6.80 -20.32
N GLY B 158 4.34 -5.73 -20.81
CA GLY B 158 2.98 -5.78 -21.34
C GLY B 158 1.89 -5.38 -20.38
N VAL B 159 2.22 -5.26 -19.07
CA VAL B 159 1.23 -4.90 -18.04
C VAL B 159 0.81 -3.42 -18.18
N LEU B 160 1.74 -2.54 -18.59
CA LEU B 160 1.43 -1.12 -18.80
C LEU B 160 0.98 -0.83 -20.27
N GLY B 161 0.71 -1.90 -21.02
CA GLY B 161 0.23 -1.86 -22.39
C GLY B 161 1.17 -1.21 -23.38
N LYS B 162 0.66 -0.25 -24.17
CA LYS B 162 1.43 0.45 -25.20
C LYS B 162 2.09 1.74 -24.68
N GLN B 163 1.89 2.04 -23.38
CA GLN B 163 2.52 3.20 -22.74
C GLN B 163 3.95 2.85 -22.35
N ALA B 164 4.73 3.82 -21.87
CA ALA B 164 6.12 3.61 -21.46
C ALA B 164 6.20 2.50 -20.40
N SER B 165 7.29 1.72 -20.44
CA SER B 165 7.49 0.63 -19.47
C SER B 165 7.83 1.25 -18.10
N ALA B 166 7.74 0.45 -17.03
CA ALA B 166 8.09 0.87 -15.67
C ALA B 166 9.53 1.42 -15.64
N GLU B 167 10.45 0.77 -16.42
CA GLU B 167 11.87 1.14 -16.54
C GLU B 167 12.00 2.54 -17.12
N GLU B 168 11.35 2.80 -18.26
CA GLU B 168 11.39 4.10 -18.94
C GLU B 168 10.78 5.19 -18.05
N ASP B 169 9.63 4.87 -17.40
CA ASP B 169 8.92 5.75 -16.46
C ASP B 169 9.78 6.10 -15.23
N SER B 170 10.69 5.19 -14.81
CA SER B 170 11.58 5.43 -13.66
C SER B 170 12.58 6.58 -13.87
N PHE B 171 12.90 6.91 -15.15
CA PHE B 171 13.87 7.96 -15.49
C PHE B 171 13.52 9.37 -14.90
N ALA B 172 12.29 9.57 -14.36
CA ALA B 172 11.87 10.84 -13.72
C ALA B 172 11.39 10.68 -12.24
N ASP B 173 11.71 9.52 -11.60
CA ASP B 173 11.27 9.11 -10.26
C ASP B 173 11.80 9.89 -9.03
N GLY B 174 12.82 10.72 -9.18
CA GLY B 174 13.42 11.43 -8.06
C GLY B 174 12.62 12.53 -7.37
N LEU B 175 11.82 13.28 -8.14
CA LEU B 175 11.08 14.42 -7.63
C LEU B 175 9.57 14.16 -7.59
N LEU B 176 8.81 14.97 -6.80
CA LEU B 176 7.34 14.84 -6.77
C LEU B 176 6.81 15.37 -8.11
N ASP B 177 5.63 14.89 -8.54
CA ASP B 177 5.02 15.30 -9.81
CA ASP B 177 5.04 15.32 -9.80
C ASP B 177 4.50 16.74 -9.74
N CYS B 178 4.46 17.41 -10.90
CA CYS B 178 4.01 18.80 -10.99
C CYS B 178 2.46 18.77 -10.90
N PRO B 179 1.75 19.90 -10.67
CA PRO B 179 0.27 19.86 -10.75
C PRO B 179 -0.17 19.60 -12.19
N HIS B 180 -1.34 19.02 -12.38
N HIS B 180 -1.33 18.98 -12.37
CA HIS B 180 -1.88 18.74 -13.70
CA HIS B 180 -1.89 18.67 -13.68
C HIS B 180 -3.32 19.20 -13.77
C HIS B 180 -3.32 19.18 -13.76
N TYR B 181 -3.76 19.53 -14.98
CA TYR B 181 -5.09 20.07 -15.20
C TYR B 181 -5.76 19.44 -16.37
N THR B 182 -7.08 19.29 -16.30
CA THR B 182 -7.90 18.78 -17.40
C THR B 182 -9.15 19.64 -17.49
N ARG B 183 -10.11 19.31 -18.39
CA ARG B 183 -11.35 20.08 -18.54
C ARG B 183 -12.08 20.15 -17.17
N PRO B 184 -12.82 21.22 -16.86
CA PRO B 184 -13.13 22.38 -17.72
C PRO B 184 -12.06 23.48 -17.65
N GLU B 185 -12.16 24.44 -18.57
CA GLU B 185 -11.26 25.60 -18.59
C GLU B 185 -11.41 26.39 -17.29
N VAL B 186 -12.65 26.51 -16.77
CA VAL B 186 -12.91 27.26 -15.54
C VAL B 186 -13.68 26.34 -14.55
N LEU B 187 -13.06 26.03 -13.42
CA LEU B 187 -13.66 25.15 -12.40
C LEU B 187 -13.83 25.96 -11.13
N GLU B 188 -15.09 26.25 -10.75
CA GLU B 188 -15.40 27.14 -9.61
C GLU B 188 -14.66 28.46 -9.73
N GLY B 189 -14.63 29.03 -10.94
CA GLY B 189 -13.95 30.29 -11.15
C GLY B 189 -12.43 30.20 -11.20
N LEU B 190 -11.84 28.98 -11.03
CA LEU B 190 -10.39 28.78 -11.05
C LEU B 190 -9.94 28.36 -12.47
N THR B 191 -8.94 29.04 -12.99
CA THR B 191 -8.48 28.83 -14.35
C THR B 191 -7.16 27.99 -14.38
N VAL B 192 -6.85 27.46 -15.55
CA VAL B 192 -5.66 26.65 -15.82
C VAL B 192 -4.47 27.63 -16.03
N PRO B 193 -3.27 27.39 -15.44
CA PRO B 193 -2.11 28.25 -15.74
C PRO B 193 -1.95 28.45 -17.27
N PRO B 194 -1.89 29.71 -17.77
CA PRO B 194 -1.86 29.92 -19.24
C PRO B 194 -0.76 29.21 -20.02
N VAL B 195 0.41 29.00 -19.42
CA VAL B 195 1.52 28.30 -20.11
C VAL B 195 1.07 26.89 -20.63
N LEU B 196 0.16 26.22 -19.91
CA LEU B 196 -0.31 24.90 -20.30
C LEU B 196 -1.19 24.89 -21.53
N MET B 197 -1.73 26.06 -21.89
CA MET B 197 -2.57 26.26 -23.07
C MET B 197 -1.78 26.89 -24.22
N SER B 198 -0.50 27.18 -24.02
CA SER B 198 0.33 27.90 -24.99
C SER B 198 0.83 27.11 -26.19
N GLY B 199 0.90 25.79 -26.07
CA GLY B 199 1.48 24.97 -27.12
C GLY B 199 2.99 25.16 -27.24
N HIS B 200 3.63 25.80 -26.24
CA HIS B 200 5.10 26.03 -26.19
C HIS B 200 5.68 24.90 -25.35
N HIS B 201 6.16 23.82 -26.00
CA HIS B 201 6.58 22.59 -25.30
C HIS B 201 7.68 22.82 -24.27
N GLU B 202 8.73 23.56 -24.63
CA GLU B 202 9.83 23.82 -23.68
C GLU B 202 9.40 24.69 -22.51
N GLU B 203 8.56 25.69 -22.75
CA GLU B 203 8.03 26.53 -21.66
C GLU B 203 7.19 25.68 -20.70
N ILE B 204 6.40 24.75 -21.25
CA ILE B 204 5.60 23.84 -20.42
C ILE B 204 6.51 22.91 -19.62
N ARG B 205 7.51 22.30 -20.28
CA ARG B 205 8.43 21.40 -19.59
C ARG B 205 9.14 22.11 -18.41
N LYS B 206 9.64 23.33 -18.66
CA LYS B 206 10.36 24.13 -17.65
C LYS B 206 9.43 24.59 -16.52
N TRP B 207 8.17 24.93 -16.84
CA TRP B 207 7.19 25.31 -15.80
C TRP B 207 6.89 24.10 -14.91
N ARG B 208 6.64 22.93 -15.51
CA ARG B 208 6.36 21.69 -14.78
C ARG B 208 7.57 21.27 -13.93
N LEU B 209 8.79 21.41 -14.47
CA LEU B 209 10.01 21.06 -13.73
C LEU B 209 10.21 22.00 -12.51
N LYS B 210 9.99 23.30 -12.68
CA LYS B 210 10.08 24.28 -11.61
C LYS B 210 9.03 23.97 -10.52
N GLN B 211 7.78 23.64 -10.92
CA GLN B 211 6.72 23.27 -9.98
C GLN B 211 7.07 21.99 -9.21
N SER B 212 7.60 20.97 -9.92
CA SER B 212 8.05 19.71 -9.35
C SER B 212 9.11 19.96 -8.27
N LEU B 213 10.09 20.83 -8.57
CA LEU B 213 11.18 21.20 -7.65
C LEU B 213 10.64 21.96 -6.42
N GLN B 214 9.71 22.87 -6.64
CA GLN B 214 9.09 23.64 -5.55
C GLN B 214 8.27 22.71 -4.63
N ARG B 215 7.42 21.82 -5.19
CA ARG B 215 6.62 20.87 -4.40
C ARG B 215 7.50 19.87 -3.63
N THR B 216 8.60 19.37 -4.25
CA THR B 216 9.52 18.44 -3.57
C THR B 216 10.16 19.16 -2.38
N TRP B 217 10.66 20.39 -2.60
CA TRP B 217 11.29 21.22 -1.58
C TRP B 217 10.36 21.51 -0.39
N LEU B 218 9.13 21.91 -0.65
CA LEU B 218 8.20 22.28 0.41
C LEU B 218 7.60 21.09 1.16
N ARG B 219 7.27 20.00 0.46
CA ARG B 219 6.61 18.84 1.05
C ARG B 219 7.55 17.74 1.52
N ARG B 220 8.57 17.42 0.71
CA ARG B 220 9.47 16.32 1.03
C ARG B 220 10.94 16.75 0.79
N PRO B 221 11.45 17.78 1.53
CA PRO B 221 12.86 18.20 1.31
C PRO B 221 13.92 17.12 1.49
N GLU B 222 13.62 16.02 2.24
CA GLU B 222 14.56 14.91 2.44
C GLU B 222 14.92 14.22 1.10
N LEU B 223 13.94 14.18 0.16
CA LEU B 223 14.12 13.59 -1.18
C LEU B 223 15.22 14.31 -1.99
N LEU B 224 15.47 15.60 -1.67
CA LEU B 224 16.50 16.40 -2.36
C LEU B 224 17.92 16.14 -1.80
N GLU B 225 18.03 15.64 -0.54
CA GLU B 225 19.32 15.39 0.13
C GLU B 225 20.24 14.49 -0.69
N GLY B 226 19.78 13.28 -1.01
CA GLY B 226 20.52 12.33 -1.83
C GLY B 226 20.09 12.39 -3.28
N LEU B 227 20.23 13.58 -3.91
CA LEU B 227 19.82 13.79 -5.30
C LEU B 227 20.77 14.68 -6.10
N ALA B 228 21.28 14.12 -7.21
CA ALA B 228 22.14 14.84 -8.14
C ALA B 228 21.21 15.60 -9.09
N LEU B 229 21.35 16.94 -9.12
CA LEU B 229 20.51 17.79 -9.97
C LEU B 229 21.31 18.32 -11.14
N THR B 230 20.64 18.54 -12.29
CA THR B 230 21.26 19.13 -13.48
C THR B 230 21.41 20.61 -13.19
N ASP B 231 22.19 21.34 -14.02
CA ASP B 231 22.36 22.77 -13.93
C ASP B 231 21.00 23.50 -14.03
N GLU B 232 20.14 23.04 -14.97
CA GLU B 232 18.81 23.62 -15.15
C GLU B 232 17.95 23.45 -13.89
N GLN B 233 17.93 22.24 -13.29
CA GLN B 233 17.13 21.95 -12.08
C GLN B 233 17.58 22.81 -10.90
N ARG B 234 18.92 23.00 -10.76
CA ARG B 234 19.51 23.84 -9.71
C ARG B 234 19.07 25.29 -9.88
N LYS B 235 19.14 25.80 -11.12
CA LYS B 235 18.74 27.16 -11.47
C LYS B 235 17.23 27.38 -11.25
N LEU B 236 16.38 26.40 -11.64
CA LEU B 236 14.92 26.49 -11.46
C LEU B 236 14.49 26.42 -9.97
N LEU B 237 15.08 25.50 -9.19
CA LEU B 237 14.78 25.36 -7.75
C LEU B 237 15.08 26.68 -7.01
N LYS B 238 16.19 27.35 -7.38
CA LYS B 238 16.62 28.64 -6.81
C LYS B 238 15.60 29.73 -7.11
N GLU B 239 15.04 29.73 -8.33
CA GLU B 239 14.02 30.66 -8.80
C GLU B 239 12.74 30.52 -7.96
N ALA B 240 12.24 29.27 -7.80
CA ALA B 240 11.06 28.94 -7.01
C ALA B 240 11.26 29.34 -5.53
N GLN B 241 12.49 29.12 -4.99
CA GLN B 241 12.86 29.49 -3.62
C GLN B 241 12.88 31.01 -3.42
N ALA B 242 13.31 31.76 -4.44
CA ALA B 242 13.37 33.23 -4.43
C ALA B 242 11.99 33.90 -4.72
N GLU B 243 10.95 33.09 -4.98
CA GLU B 243 9.59 33.56 -5.27
C GLU B 243 8.62 33.14 -4.16
C1 GOL C . -11.05 5.80 16.09
O1 GOL C . -10.47 6.06 17.37
C2 GOL C . -12.51 6.18 16.09
O2 GOL C . -13.19 5.40 17.08
C3 GOL C . -12.71 7.64 16.39
O3 GOL C . -12.40 8.43 15.26
S SO4 D . 10.78 -31.55 11.34
O1 SO4 D . 11.12 -30.79 10.16
O2 SO4 D . 11.12 -32.94 11.07
O3 SO4 D . 9.33 -31.49 11.61
O4 SO4 D . 11.48 -31.14 12.50
C2 21W E . -0.27 8.20 -9.81
C4 21W E . 1.45 6.70 -9.10
C1 21W E . 0.69 9.01 -10.41
C5 21W E . 2.41 7.51 -9.68
C13 21W E . 7.93 8.99 -12.77
C12 21W E . 7.91 9.85 -11.69
C20 21W E . -1.85 7.06 -3.85
C23 21W E . 0.20 6.04 -4.13
C19 21W E . -0.99 6.53 -4.78
C3 21W E . 0.11 7.03 -9.17
C6 21W E . 2.03 8.67 -10.35
C22 21W E . 0.16 6.24 -2.76
C10 21W E . 5.91 9.70 -12.67
C27 21W E . 2.16 5.36 -2.35
C24 21W E . 1.39 5.40 -4.68
C17 21W E . -1.45 6.55 -6.16
C15 21W E . -0.91 6.16 -8.52
C7 21W E . 3.09 9.53 -10.98
C9 21W E . 4.48 9.97 -12.89
N14 21W E . 6.70 8.91 -13.37
N28 21W E . 1.10 5.91 -1.85
N11 21W E . 6.62 10.28 -11.65
N26 21W E . 2.33 5.11 -3.70
N16 21W E . -0.63 5.99 -7.10
N8 21W E . 3.59 9.00 -12.23
O25 21W E . 1.58 5.15 -5.86
O18 21W E . -2.51 7.08 -6.45
S21 21W E . -1.28 7.03 -2.23
C ACT F . 5.22 -21.70 -12.27
O ACT F . 5.06 -22.88 -12.61
OXT ACT F . 5.24 -21.29 -11.09
CH3 ACT F . 5.42 -20.65 -13.39
S SO4 G . 9.09 -9.31 -14.25
O1 SO4 G . 10.29 -8.65 -14.79
O2 SO4 G . 8.25 -9.74 -15.35
O3 SO4 G . 8.36 -8.38 -13.38
O4 SO4 G . 9.50 -10.49 -13.46
C2 21W H . 2.20 -7.85 13.90
C4 21W H . 1.76 -5.52 13.65
C1 21W H . 2.91 -7.60 15.04
C5 21W H . 2.49 -5.27 14.79
C13 21W H . 0.18 -5.35 21.07
C12 21W H . 0.67 -6.62 21.33
C20 21W H . 3.40 -6.99 7.80
C23 21W H . 3.01 -4.89 8.66
C19 21W H . 2.77 -6.29 8.81
C3 21W H . 1.61 -6.82 13.19
C6 21W H . 3.06 -6.30 15.50
C22 21W H . 3.80 -4.61 7.55
C10 21W H . 1.91 -5.55 19.83
C27 21W H . 3.81 -2.41 7.79
C24 21W H . 2.57 -3.73 9.44
C17 21W H . 2.04 -7.11 9.78
C15 21W H . 0.83 -7.11 11.94
C7 21W H . 3.83 -6.01 16.75
C9 21W H . 3.01 -5.33 18.87
N14 21W H . 0.95 -4.70 20.14
N28 21W H . 4.22 -3.41 7.08
N11 21W H . 1.77 -6.72 20.53
N26 21W H . 3.01 -2.52 8.92
N16 21W H . 1.41 -6.43 10.80
N8 21W H . 3.08 -6.42 17.92
O25 21W H . 1.86 -3.76 10.45
O18 21W H . 2.01 -8.33 9.69
S21 21W H . 4.28 -6.02 6.68
#